data_6D5A
#
_entry.id   6D5A
#
_cell.length_a   97.446
_cell.length_b   97.446
_cell.length_c   193.972
_cell.angle_alpha   90.000
_cell.angle_beta   90.000
_cell.angle_gamma   120.000
#
_symmetry.space_group_name_H-M   'P 62 2 2'
#
loop_
_entity.id
_entity.type
_entity.pdbx_description
1 polymer 'L,D-transpeptidase 5'
2 non-polymer 'TETRAETHYLENE GLYCOL'
3 water water
#
_entity_poly.entity_id   1
_entity_poly.type   'polypeptide(L)'
_entity_poly.pdbx_seq_one_letter_code
;MGSSHHHHHHSSGLVPRGSHMAGKVTKLAEKRPPPAPRLTFRPADSAADVVPIAPISVEVGDGWFQRVALTNSAGKVVAG
AYSRDRTIYTITEPLGYDTTYTWSGSAVGHDGKAVPVAGKFTTVAPVKTINAGFQLADGQTVGIAAPVIIQFDSPISDKA
AVERALTVTTDPPVEGGWAWLPDEAQGARVHWRPREYYPAGTTVDVDAKLYGLPFGDGAYGAQDMSLHFQIGRRQVVKAE
VSSHRIQVVTDAGVIMDFPCSYGEADLARNVTRNGIHVVTEKYSDFYMSNPAAGYSHIHERWAVRISNNGEFIHANPMSA
GAQGNSNVTNGCINLSTENAEQYYRSAVYGDPVEVTGSSIQLSYADGDIWDWAVDWDTWVSMSALPPP
;
_entity_poly.pdbx_strand_id   A
#
loop_
_chem_comp.id
_chem_comp.type
_chem_comp.name
_chem_comp.formula
PG4 non-polymer 'TETRAETHYLENE GLYCOL' 'C8 H18 O5'
#
# COMPACT_ATOMS: atom_id res chain seq x y z
N LYS A 27 69.57 -17.00 23.27
CA LYS A 27 69.29 -18.31 23.84
C LYS A 27 67.87 -18.43 24.49
N LEU A 28 67.10 -17.34 24.57
CA LEU A 28 65.80 -17.34 25.22
C LEU A 28 64.69 -17.27 24.18
N ALA A 29 63.68 -16.41 24.36
CA ALA A 29 62.46 -16.38 23.56
C ALA A 29 62.66 -15.64 22.23
N GLU A 30 62.70 -14.31 22.29
CA GLU A 30 62.96 -13.42 21.15
C GLU A 30 61.89 -13.54 20.06
N LYS A 31 60.70 -14.04 20.38
CA LYS A 31 59.59 -14.08 19.44
C LYS A 31 58.67 -12.89 19.66
N ARG A 32 58.11 -12.36 18.55
CA ARG A 32 57.21 -11.21 18.62
C ARG A 32 55.79 -11.71 18.96
N PRO A 33 55.09 -11.02 19.87
CA PRO A 33 53.88 -11.59 20.49
C PRO A 33 52.77 -11.85 19.49
N PRO A 34 51.85 -12.75 19.81
CA PRO A 34 50.67 -12.97 18.96
C PRO A 34 49.88 -11.68 18.82
N PRO A 35 49.05 -11.57 17.79
CA PRO A 35 48.45 -10.28 17.43
C PRO A 35 47.42 -9.79 18.45
N ALA A 36 47.19 -8.48 18.41
CA ALA A 36 46.02 -8.01 19.15
C ALA A 36 44.77 -8.24 18.29
N PRO A 37 43.65 -8.57 18.93
CA PRO A 37 42.39 -8.62 18.19
C PRO A 37 42.18 -7.35 17.37
N ARG A 38 41.59 -7.49 16.19
CA ARG A 38 41.30 -6.36 15.30
C ARG A 38 39.78 -6.25 15.18
N LEU A 39 39.21 -5.21 15.78
CA LEU A 39 37.77 -4.98 15.76
C LEU A 39 37.40 -4.03 14.65
N THR A 40 36.49 -4.44 13.79
CA THR A 40 35.99 -3.62 12.69
C THR A 40 34.48 -3.46 12.87
N PHE A 41 34.04 -2.20 12.92
CA PHE A 41 32.69 -1.79 13.30
C PHE A 41 31.95 -1.25 12.08
N ARG A 42 30.83 -1.88 11.72
CA ARG A 42 29.96 -1.30 10.68
C ARG A 42 28.52 -1.10 11.13
N PRO A 43 28.11 0.17 11.30
CA PRO A 43 28.90 1.38 11.04
C PRO A 43 30.01 1.63 12.02
N ALA A 44 30.84 2.60 11.68
CA ALA A 44 32.03 2.92 12.46
C ALA A 44 31.70 3.85 13.62
N ASP A 45 32.63 3.94 14.56
CA ASP A 45 32.43 4.75 15.75
C ASP A 45 32.18 6.20 15.35
N SER A 46 31.18 6.80 16.01
CA SER A 46 30.81 8.21 15.97
C SER A 46 29.99 8.58 14.73
N ALA A 47 29.78 7.67 13.78
CA ALA A 47 28.97 7.97 12.59
C ALA A 47 27.57 8.44 12.98
N ALA A 48 27.10 9.51 12.34
CA ALA A 48 25.71 9.92 12.36
C ALA A 48 25.08 9.63 10.99
N ASP A 49 23.80 9.97 10.87
CA ASP A 49 23.03 9.78 9.63
C ASP A 49 23.08 8.32 9.17
N VAL A 50 23.04 7.40 10.14
CA VAL A 50 23.02 5.97 9.83
C VAL A 50 21.57 5.53 9.60
N VAL A 51 21.33 4.85 8.48
CA VAL A 51 19.97 4.43 8.12
C VAL A 51 19.49 3.31 9.06
N PRO A 52 18.31 3.42 9.65
CA PRO A 52 17.88 2.41 10.65
C PRO A 52 17.73 0.98 10.11
N ILE A 53 17.80 0.74 8.80
CA ILE A 53 17.80 -0.63 8.27
C ILE A 53 19.11 -0.96 7.55
N ALA A 54 20.16 -0.14 7.76
CA ALA A 54 21.47 -0.44 7.26
C ALA A 54 22.01 -1.70 7.95
N PRO A 55 23.04 -2.31 7.37
CA PRO A 55 23.71 -3.43 8.08
C PRO A 55 24.47 -2.90 9.30
N ILE A 56 24.19 -3.48 10.47
CA ILE A 56 24.82 -3.11 11.72
C ILE A 56 25.57 -4.33 12.25
N SER A 57 26.90 -4.21 12.37
CA SER A 57 27.70 -5.37 12.74
C SER A 57 28.96 -4.92 13.49
N VAL A 58 29.65 -5.92 14.04
CA VAL A 58 30.94 -5.79 14.68
C VAL A 58 31.65 -7.12 14.49
N GLU A 59 32.85 -7.09 13.91
CA GLU A 59 33.63 -8.33 13.83
C GLU A 59 34.99 -8.17 14.48
N VAL A 60 35.61 -9.31 14.77
CA VAL A 60 36.94 -9.36 15.37
C VAL A 60 37.77 -10.40 14.63
N GLY A 61 38.95 -9.99 14.19
CA GLY A 61 39.95 -10.92 13.72
C GLY A 61 41.01 -11.09 14.78
N ASP A 62 41.71 -12.22 14.70
CA ASP A 62 42.70 -12.57 15.71
C ASP A 62 42.04 -12.70 17.09
N GLY A 63 40.87 -13.33 17.13
CA GLY A 63 40.15 -13.48 18.38
C GLY A 63 38.70 -13.80 18.12
N TRP A 64 37.98 -14.02 19.21
CA TRP A 64 36.55 -14.29 19.16
C TRP A 64 35.83 -13.54 20.28
N PHE A 65 34.57 -13.18 20.02
CA PHE A 65 33.79 -12.41 20.99
C PHE A 65 33.44 -13.24 22.21
N GLN A 66 33.52 -12.60 23.36
CA GLN A 66 33.00 -13.19 24.59
C GLN A 66 31.63 -12.64 24.96
N ARG A 67 31.35 -11.37 24.65
CA ARG A 67 30.06 -10.76 24.89
C ARG A 67 29.95 -9.55 23.97
N VAL A 68 28.78 -9.39 23.36
CA VAL A 68 28.46 -8.17 22.62
C VAL A 68 27.01 -7.82 22.89
N ALA A 69 26.75 -6.53 23.03
CA ALA A 69 25.39 -6.05 23.13
C ALA A 69 25.32 -4.65 22.55
N LEU A 70 24.15 -4.30 22.03
CA LEU A 70 23.87 -2.97 21.55
C LEU A 70 22.65 -2.41 22.28
N THR A 71 22.79 -1.23 22.87
CA THR A 71 21.71 -0.55 23.53
C THR A 71 21.42 0.76 22.83
N ASN A 72 20.18 1.22 22.93
CA ASN A 72 19.90 2.57 22.48
C ASN A 72 20.15 3.51 23.66
N SER A 73 19.88 4.81 23.46
CA SER A 73 20.15 5.79 24.51
C SER A 73 19.32 5.52 25.77
N ALA A 74 18.23 4.75 25.65
CA ALA A 74 17.35 4.51 26.78
C ALA A 74 17.64 3.21 27.51
N GLY A 75 18.53 2.38 26.98
CA GLY A 75 18.90 1.15 27.63
C GLY A 75 18.28 -0.11 27.06
N LYS A 76 17.48 0.01 25.98
CA LYS A 76 16.85 -1.16 25.34
C LYS A 76 17.89 -1.91 24.52
N VAL A 77 18.07 -3.19 24.85
CA VAL A 77 18.92 -4.04 24.04
C VAL A 77 18.29 -4.23 22.66
N VAL A 78 19.14 -4.21 21.64
CA VAL A 78 18.72 -4.51 20.28
C VAL A 78 19.23 -5.90 19.91
N ALA A 79 18.34 -6.73 19.40
CA ALA A 79 18.64 -8.14 19.20
C ALA A 79 19.70 -8.34 18.13
N GLY A 80 20.46 -9.44 18.28
CA GLY A 80 21.40 -9.86 17.25
C GLY A 80 21.99 -11.22 17.57
N ALA A 81 22.54 -11.86 16.55
CA ALA A 81 23.21 -13.14 16.77
C ALA A 81 24.60 -13.15 16.13
N TYR A 82 25.45 -14.02 16.68
CA TYR A 82 26.80 -14.15 16.18
C TYR A 82 26.81 -15.10 14.99
N SER A 83 27.35 -14.65 13.86
CA SER A 83 27.66 -15.61 12.82
C SER A 83 28.85 -16.46 13.26
N ARG A 84 28.85 -17.70 12.77
CA ARG A 84 29.57 -18.81 13.40
C ARG A 84 31.06 -18.52 13.56
N ASP A 85 31.68 -19.28 14.47
CA ASP A 85 33.04 -19.05 14.95
C ASP A 85 33.14 -17.59 15.32
N ARG A 86 32.63 -17.24 16.51
CA ARG A 86 32.18 -15.90 16.83
C ARG A 86 33.10 -14.79 16.35
N THR A 87 33.26 -14.67 15.03
CA THR A 87 34.06 -13.57 14.53
C THR A 87 33.18 -12.36 14.26
N ILE A 88 31.87 -12.54 14.05
CA ILE A 88 30.97 -11.42 13.73
C ILE A 88 29.72 -11.48 14.59
N TYR A 89 29.19 -10.31 14.93
CA TYR A 89 27.91 -10.14 15.60
C TYR A 89 27.08 -9.18 14.77
N THR A 90 25.86 -9.58 14.43
CA THR A 90 25.05 -8.78 13.53
C THR A 90 23.69 -8.54 14.15
N ILE A 91 23.14 -7.36 13.89
CA ILE A 91 21.85 -6.95 14.40
C ILE A 91 20.74 -7.53 13.53
N THR A 92 19.66 -8.01 14.17
CA THR A 92 18.57 -8.72 13.50
C THR A 92 17.22 -8.07 13.73
N GLU A 93 17.20 -6.75 13.95
CA GLU A 93 15.95 -6.01 13.97
C GLU A 93 16.26 -4.59 13.57
N PRO A 94 15.33 -3.90 12.93
CA PRO A 94 15.59 -2.51 12.52
C PRO A 94 15.73 -1.63 13.74
N LEU A 95 16.27 -0.43 13.49
CA LEU A 95 16.55 0.55 14.51
C LEU A 95 15.57 1.72 14.39
N GLY A 96 15.69 2.67 15.32
CA GLY A 96 14.89 3.88 15.30
C GLY A 96 15.62 5.04 14.61
N TYR A 97 14.88 6.13 14.40
CA TYR A 97 15.45 7.35 13.86
C TYR A 97 15.96 8.25 15.00
N ASP A 98 17.00 9.02 14.70
CA ASP A 98 17.50 10.05 15.63
C ASP A 98 17.84 9.42 16.99
N THR A 99 18.39 8.21 16.94
CA THR A 99 18.78 7.48 18.14
C THR A 99 20.26 7.13 18.10
N THR A 100 20.90 7.22 19.27
CA THR A 100 22.31 6.92 19.44
C THR A 100 22.45 5.54 20.07
N TYR A 101 23.22 4.67 19.44
CA TYR A 101 23.40 3.29 19.88
C TYR A 101 24.83 3.08 20.37
N THR A 102 25.00 2.37 21.49
CA THR A 102 26.32 2.09 22.03
C THR A 102 26.59 0.59 22.11
N TRP A 103 27.81 0.21 21.71
CA TRP A 103 28.27 -1.16 21.86
C TRP A 103 28.87 -1.36 23.25
N SER A 104 28.65 -2.54 23.83
CA SER A 104 29.36 -2.94 25.03
C SER A 104 29.67 -4.42 24.95
N GLY A 105 30.89 -4.78 25.33
CA GLY A 105 31.28 -6.17 25.30
C GLY A 105 32.79 -6.30 25.36
N SER A 106 33.24 -7.54 25.25
CA SER A 106 34.66 -7.86 25.21
C SER A 106 34.89 -9.00 24.23
N ALA A 107 36.11 -9.08 23.70
CA ALA A 107 36.57 -10.18 22.85
C ALA A 107 37.97 -10.58 23.28
N VAL A 108 38.21 -11.89 23.41
CA VAL A 108 39.48 -12.37 23.94
C VAL A 108 40.42 -12.68 22.79
N GLY A 109 41.70 -12.35 22.97
CA GLY A 109 42.70 -12.63 21.98
C GLY A 109 43.31 -14.00 22.15
N HIS A 110 44.43 -14.21 21.45
CA HIS A 110 45.14 -15.48 21.55
C HIS A 110 45.74 -15.68 22.92
N ASP A 111 46.40 -14.63 23.46
CA ASP A 111 47.13 -14.78 24.72
C ASP A 111 46.20 -15.05 25.90
N GLY A 112 44.92 -14.73 25.79
CA GLY A 112 43.93 -14.95 26.83
C GLY A 112 43.32 -13.69 27.40
N LYS A 113 43.98 -12.54 27.23
CA LYS A 113 43.47 -11.29 27.76
C LYS A 113 42.33 -10.79 26.87
N ALA A 114 41.32 -10.21 27.52
CA ALA A 114 40.12 -9.70 26.87
C ALA A 114 40.22 -8.20 26.64
N VAL A 115 39.80 -7.75 25.46
CA VAL A 115 39.91 -6.34 25.13
C VAL A 115 38.49 -5.84 24.90
N PRO A 116 38.14 -4.59 25.25
CA PRO A 116 36.73 -4.18 25.24
C PRO A 116 36.15 -3.96 23.86
N VAL A 117 34.86 -4.25 23.73
CA VAL A 117 34.06 -3.95 22.56
C VAL A 117 33.19 -2.75 22.91
N ALA A 118 33.70 -1.55 22.65
CA ALA A 118 33.01 -0.32 23.00
C ALA A 118 32.91 0.57 21.76
N GLY A 119 31.79 1.27 21.64
CA GLY A 119 31.50 2.05 20.44
C GLY A 119 30.09 2.62 20.43
N LYS A 120 29.90 3.57 19.50
CA LYS A 120 28.70 4.39 19.40
C LYS A 120 28.36 4.57 17.94
N PHE A 121 27.10 4.91 17.69
CA PHE A 121 26.71 5.55 16.45
C PHE A 121 25.30 6.11 16.61
N THR A 122 24.86 6.84 15.61
CA THR A 122 23.57 7.51 15.68
C THR A 122 22.86 7.42 14.35
N THR A 123 21.58 7.07 14.39
CA THR A 123 20.84 6.94 13.16
C THR A 123 20.32 8.28 12.69
N VAL A 124 19.80 8.27 11.45
CA VAL A 124 19.26 9.46 10.81
C VAL A 124 18.10 10.01 11.61
N ALA A 125 18.02 11.33 11.67
CA ALA A 125 16.74 11.98 11.90
C ALA A 125 16.24 12.49 10.56
N PRO A 126 15.08 12.04 10.08
CA PRO A 126 14.60 12.52 8.79
C PRO A 126 14.06 13.94 8.89
N VAL A 127 14.08 14.63 7.75
CA VAL A 127 13.47 15.97 7.67
C VAL A 127 12.01 15.89 8.09
N LYS A 128 11.28 14.92 7.51
CA LYS A 128 9.97 14.50 8.00
C LYS A 128 9.81 13.02 7.71
N THR A 129 8.92 12.38 8.47
CA THR A 129 8.56 10.98 8.24
C THR A 129 7.19 10.95 7.56
N ILE A 130 7.14 10.33 6.39
CA ILE A 130 5.95 10.33 5.55
C ILE A 130 5.15 9.07 5.87
N ASN A 131 4.00 9.23 6.52
CA ASN A 131 3.17 8.09 6.84
C ASN A 131 2.36 7.66 5.62
N ALA A 132 1.83 6.44 5.70
CA ALA A 132 0.97 5.94 4.63
C ALA A 132 -0.05 4.97 5.21
N GLY A 133 -1.00 4.57 4.36
CA GLY A 133 -2.06 3.66 4.74
C GLY A 133 -2.84 3.11 3.56
N PHE A 134 -3.26 1.85 3.67
CA PHE A 134 -4.14 1.21 2.70
C PHE A 134 -5.59 1.61 2.97
N GLN A 135 -6.42 1.48 1.94
CA GLN A 135 -7.83 1.82 2.09
C GLN A 135 -8.66 0.61 2.48
N LEU A 136 -8.11 -0.58 2.34
CA LEU A 136 -8.77 -1.79 2.81
C LEU A 136 -8.06 -2.34 4.03
N ALA A 137 -8.83 -3.06 4.85
CA ALA A 137 -8.35 -3.70 6.06
C ALA A 137 -7.87 -5.12 5.75
N ASP A 138 -6.89 -5.59 6.53
CA ASP A 138 -6.48 -6.99 6.44
C ASP A 138 -7.66 -7.90 6.73
N GLY A 139 -7.89 -8.88 5.86
CA GLY A 139 -9.01 -9.77 5.99
C GLY A 139 -10.23 -9.39 5.18
N GLN A 140 -10.20 -8.22 4.55
CA GLN A 140 -11.34 -7.75 3.80
C GLN A 140 -11.55 -8.60 2.55
N THR A 141 -12.81 -8.83 2.23
CA THR A 141 -13.18 -9.48 0.99
C THR A 141 -13.85 -8.44 0.11
N VAL A 142 -13.31 -8.28 -1.11
CA VAL A 142 -13.65 -7.21 -2.02
C VAL A 142 -14.05 -7.81 -3.37
N GLY A 143 -14.62 -6.94 -4.26
CA GLY A 143 -15.06 -7.37 -5.57
C GLY A 143 -13.91 -7.44 -6.56
N ILE A 144 -14.17 -8.10 -7.69
CA ILE A 144 -13.14 -8.50 -8.64
C ILE A 144 -12.43 -7.32 -9.32
N ALA A 145 -12.77 -6.09 -8.93
CA ALA A 145 -12.19 -4.92 -9.57
C ALA A 145 -11.63 -3.93 -8.55
N ALA A 146 -11.57 -4.31 -7.28
CA ALA A 146 -11.01 -3.47 -6.25
C ALA A 146 -9.55 -3.11 -6.55
N PRO A 147 -9.19 -1.83 -6.56
CA PRO A 147 -7.78 -1.44 -6.53
C PRO A 147 -7.22 -1.54 -5.13
N VAL A 148 -5.89 -1.64 -5.04
CA VAL A 148 -5.17 -1.41 -3.78
C VAL A 148 -4.76 0.05 -3.74
N ILE A 149 -5.22 0.79 -2.73
CA ILE A 149 -4.95 2.22 -2.64
C ILE A 149 -4.05 2.50 -1.45
N ILE A 150 -2.86 3.04 -1.72
CA ILE A 150 -1.96 3.54 -0.70
C ILE A 150 -1.89 5.06 -0.81
N GLN A 151 -2.32 5.72 0.26
CA GLN A 151 -2.35 7.17 0.37
C GLN A 151 -1.31 7.66 1.38
N PHE A 152 -0.46 8.59 0.97
CA PHE A 152 0.53 9.18 1.86
C PHE A 152 0.01 10.51 2.38
N ASP A 153 0.73 11.09 3.35
CA ASP A 153 0.33 12.37 3.92
C ASP A 153 1.33 13.49 3.62
N SER A 154 2.19 13.31 2.63
CA SER A 154 3.06 14.33 2.10
C SER A 154 3.17 14.11 0.59
N PRO A 155 3.60 15.12 -0.16
CA PRO A 155 4.12 14.83 -1.50
C PRO A 155 5.28 13.84 -1.41
N ILE A 156 5.71 13.32 -2.57
CA ILE A 156 6.80 12.37 -2.61
C ILE A 156 7.71 12.74 -3.78
N SER A 157 9.00 12.98 -3.49
CA SER A 157 9.94 13.44 -4.50
C SER A 157 10.47 12.29 -5.35
N ASP A 158 10.74 11.15 -4.75
CA ASP A 158 11.33 10.01 -5.48
C ASP A 158 10.34 8.86 -5.51
N LYS A 159 9.27 9.06 -6.29
CA LYS A 159 8.24 8.05 -6.37
C LYS A 159 8.79 6.71 -6.89
N ALA A 160 9.81 6.75 -7.74
CA ALA A 160 10.40 5.50 -8.20
C ALA A 160 11.06 4.74 -7.03
N ALA A 161 11.77 5.44 -6.16
CA ALA A 161 12.36 4.78 -5.00
C ALA A 161 11.29 4.09 -4.13
N VAL A 162 10.12 4.73 -3.99
CA VAL A 162 9.06 4.14 -3.17
C VAL A 162 8.38 2.98 -3.90
N GLU A 163 8.03 3.18 -5.17
CA GLU A 163 7.37 2.11 -5.90
C GLU A 163 8.24 0.86 -5.93
N ARG A 164 9.56 1.02 -6.07
CA ARG A 164 10.46 -0.14 -6.04
C ARG A 164 10.42 -0.87 -4.70
N ALA A 165 9.81 -0.28 -3.68
CA ALA A 165 9.63 -0.94 -2.39
C ALA A 165 8.30 -1.67 -2.29
N LEU A 166 7.53 -1.73 -3.37
CA LEU A 166 6.20 -2.32 -3.36
C LEU A 166 6.24 -3.67 -4.10
N THR A 167 5.79 -4.72 -3.43
CA THR A 167 5.55 -5.99 -4.09
C THR A 167 4.12 -6.41 -3.83
N VAL A 168 3.48 -6.93 -4.89
CA VAL A 168 2.15 -7.50 -4.84
C VAL A 168 2.27 -8.96 -5.25
N THR A 169 1.66 -9.85 -4.47
CA THR A 169 1.75 -11.28 -4.69
C THR A 169 0.35 -11.88 -4.64
N THR A 170 -0.06 -12.47 -5.76
CA THR A 170 -1.44 -12.92 -5.93
C THR A 170 -1.49 -14.42 -6.10
N ASP A 171 -2.62 -14.99 -5.69
CA ASP A 171 -2.89 -16.43 -5.78
C ASP A 171 -4.33 -16.69 -6.19
N PRO A 172 -4.53 -17.09 -7.45
CA PRO A 172 -3.46 -17.34 -8.43
C PRO A 172 -2.70 -16.06 -8.85
N PRO A 173 -1.52 -16.21 -9.43
CA PRO A 173 -0.80 -15.03 -9.90
C PRO A 173 -1.55 -14.36 -11.05
N VAL A 174 -1.54 -13.03 -11.03
CA VAL A 174 -2.30 -12.22 -11.97
C VAL A 174 -1.44 -11.01 -12.36
N GLU A 175 -1.53 -10.62 -13.63
CA GLU A 175 -0.79 -9.45 -14.10
C GLU A 175 -1.40 -8.16 -13.59
N GLY A 176 -0.55 -7.24 -13.14
CA GLY A 176 -1.04 -5.94 -12.69
C GLY A 176 0.07 -4.91 -12.73
N GLY A 177 -0.25 -3.71 -12.26
CA GLY A 177 0.75 -2.66 -12.19
C GLY A 177 0.43 -1.63 -11.13
N TRP A 178 1.48 -0.95 -10.65
CA TRP A 178 1.36 0.22 -9.79
C TRP A 178 1.25 1.50 -10.62
N ALA A 179 0.38 2.42 -10.19
CA ALA A 179 0.30 3.70 -10.88
C ALA A 179 0.01 4.81 -9.89
N TRP A 180 0.69 5.95 -10.10
CA TRP A 180 0.49 7.14 -9.27
C TRP A 180 -0.50 8.07 -9.93
N LEU A 181 -1.51 8.45 -9.18
CA LEU A 181 -2.50 9.44 -9.52
C LEU A 181 -2.02 10.81 -9.04
N PRO A 182 -2.59 11.90 -9.55
CA PRO A 182 -2.20 13.23 -9.05
C PRO A 182 -2.40 13.34 -7.56
N ASP A 183 -1.45 13.98 -6.88
CA ASP A 183 -1.54 14.06 -5.42
C ASP A 183 -2.82 14.77 -4.98
N GLU A 184 -3.46 14.23 -3.94
CA GLU A 184 -4.59 14.88 -3.27
C GLU A 184 -4.05 15.89 -2.26
N ALA A 185 -4.97 16.59 -1.60
CA ALA A 185 -4.57 17.54 -0.55
C ALA A 185 -3.86 16.83 0.61
N GLN A 186 -4.27 15.61 0.94
CA GLN A 186 -3.60 14.91 2.03
C GLN A 186 -2.18 14.51 1.63
N GLY A 187 -1.99 14.04 0.40
CA GLY A 187 -0.66 13.82 -0.12
C GLY A 187 -0.67 12.99 -1.39
N ALA A 188 0.51 12.47 -1.73
CA ALA A 188 0.66 11.57 -2.86
C ALA A 188 -0.06 10.24 -2.59
N ARG A 189 -0.33 9.49 -3.67
CA ARG A 189 -1.16 8.30 -3.56
C ARG A 189 -0.86 7.42 -4.77
N VAL A 190 -0.79 6.10 -4.53
CA VAL A 190 -0.45 5.16 -5.58
C VAL A 190 -1.43 4.00 -5.55
N HIS A 191 -1.79 3.52 -6.74
CA HIS A 191 -2.86 2.53 -6.95
C HIS A 191 -2.32 1.31 -7.67
N TRP A 192 -2.71 0.12 -7.19
CA TRP A 192 -2.41 -1.13 -7.87
C TRP A 192 -3.67 -1.74 -8.45
N ARG A 193 -3.63 -2.04 -9.75
CA ARG A 193 -4.74 -2.59 -10.51
C ARG A 193 -4.29 -3.85 -11.23
N PRO A 194 -5.13 -4.88 -11.19
CA PRO A 194 -4.96 -6.00 -12.12
C PRO A 194 -5.30 -5.53 -13.53
N ARG A 195 -4.72 -6.20 -14.52
CA ARG A 195 -5.04 -5.79 -15.88
C ARG A 195 -6.45 -6.21 -16.27
N GLU A 196 -6.80 -7.48 -16.04
CA GLU A 196 -8.18 -7.94 -16.16
C GLU A 196 -8.73 -8.09 -14.74
N TYR A 197 -10.02 -8.40 -14.61
CA TYR A 197 -10.60 -8.54 -13.28
C TYR A 197 -9.87 -9.63 -12.51
N TYR A 198 -9.78 -9.46 -11.20
CA TYR A 198 -9.32 -10.57 -10.38
C TYR A 198 -10.21 -11.77 -10.64
N PRO A 199 -9.65 -12.98 -10.74
CA PRO A 199 -10.48 -14.19 -10.65
C PRO A 199 -11.11 -14.30 -9.27
N ALA A 200 -12.40 -14.61 -9.23
CA ALA A 200 -13.10 -14.72 -7.96
C ALA A 200 -12.31 -15.59 -7.00
N GLY A 201 -12.12 -15.11 -5.76
CA GLY A 201 -11.50 -15.89 -4.72
C GLY A 201 -10.03 -15.59 -4.51
N THR A 202 -9.39 -14.97 -5.49
CA THR A 202 -7.97 -14.65 -5.38
C THR A 202 -7.65 -14.04 -4.03
N THR A 203 -6.52 -14.45 -3.46
CA THR A 203 -5.93 -13.85 -2.28
C THR A 203 -4.84 -12.87 -2.69
N VAL A 204 -4.68 -11.78 -1.93
CA VAL A 204 -3.78 -10.71 -2.32
C VAL A 204 -2.92 -10.31 -1.12
N ASP A 205 -1.60 -10.27 -1.33
CA ASP A 205 -0.64 -9.88 -0.30
C ASP A 205 0.20 -8.73 -0.83
N VAL A 206 0.24 -7.64 -0.08
CA VAL A 206 0.90 -6.40 -0.49
C VAL A 206 1.94 -6.05 0.57
N ASP A 207 3.19 -5.90 0.14
CA ASP A 207 4.30 -5.59 1.04
C ASP A 207 4.89 -4.25 0.62
N ALA A 208 4.92 -3.29 1.55
CA ALA A 208 5.50 -1.96 1.34
C ALA A 208 6.67 -1.75 2.30
N LYS A 209 7.90 -1.99 1.83
CA LYS A 209 9.10 -1.86 2.68
C LYS A 209 9.59 -0.41 2.69
N LEU A 210 8.83 0.44 3.39
CA LEU A 210 9.09 1.87 3.42
C LEU A 210 9.85 2.36 4.65
N TYR A 211 10.09 1.53 5.65
CA TYR A 211 10.87 2.01 6.80
C TYR A 211 12.34 2.16 6.42
N GLY A 212 12.93 3.28 6.82
CA GLY A 212 14.28 3.59 6.42
C GLY A 212 14.47 3.78 4.94
N LEU A 213 13.41 3.91 4.21
CA LEU A 213 13.56 4.20 2.80
C LEU A 213 13.53 5.70 2.58
N PRO A 214 14.53 6.28 1.91
CA PRO A 214 14.46 7.71 1.59
C PRO A 214 13.44 7.94 0.49
N PHE A 215 12.47 8.79 0.79
CA PHE A 215 11.52 9.30 -0.19
C PHE A 215 12.06 10.53 -0.90
N GLY A 216 13.35 10.83 -0.75
CA GLY A 216 13.95 12.00 -1.33
C GLY A 216 13.74 13.25 -0.49
N ASP A 217 14.53 14.28 -0.81
CA ASP A 217 14.46 15.58 -0.16
C ASP A 217 14.43 15.44 1.36
N GLY A 218 15.22 14.48 1.86
CA GLY A 218 15.38 14.27 3.28
C GLY A 218 14.23 13.59 3.99
N ALA A 219 13.19 13.17 3.27
CA ALA A 219 12.07 12.50 3.91
C ALA A 219 12.34 11.00 3.92
N TYR A 220 11.78 10.34 4.93
CA TYR A 220 11.95 8.91 5.11
C TYR A 220 10.61 8.25 5.41
N GLY A 221 10.51 6.97 5.05
CA GLY A 221 9.30 6.24 5.36
C GLY A 221 9.08 6.14 6.86
N ALA A 222 7.82 6.19 7.27
CA ALA A 222 7.47 6.12 8.68
C ALA A 222 7.46 4.67 9.18
N GLN A 223 7.01 3.74 8.35
CA GLN A 223 6.69 2.40 8.83
C GLN A 223 6.57 1.46 7.64
N ASP A 224 7.04 0.21 7.82
CA ASP A 224 6.74 -0.86 6.88
C ASP A 224 5.25 -1.17 6.97
N MET A 225 4.63 -1.45 5.83
CA MET A 225 3.22 -1.76 5.82
C MET A 225 2.97 -3.06 5.08
N SER A 226 1.98 -3.81 5.54
CA SER A 226 1.59 -5.01 4.81
C SER A 226 0.08 -5.21 4.95
N LEU A 227 -0.51 -5.82 3.91
CA LEU A 227 -1.95 -5.99 3.81
C LEU A 227 -2.26 -7.34 3.17
N HIS A 228 -3.12 -8.13 3.82
CA HIS A 228 -3.67 -9.36 3.24
C HIS A 228 -5.17 -9.21 3.02
N PHE A 229 -5.64 -9.50 1.81
CA PHE A 229 -7.08 -9.57 1.57
C PHE A 229 -7.41 -10.56 0.46
N GLN A 230 -8.69 -10.84 0.32
CA GLN A 230 -9.23 -11.81 -0.61
C GLN A 230 -10.21 -11.16 -1.57
N ILE A 231 -10.19 -11.60 -2.83
CA ILE A 231 -11.27 -11.25 -3.75
C ILE A 231 -12.42 -12.19 -3.50
N GLY A 232 -13.64 -11.67 -3.56
CA GLY A 232 -14.84 -12.42 -3.25
C GLY A 232 -15.46 -13.01 -4.50
N ARG A 233 -16.75 -13.29 -4.41
CA ARG A 233 -17.45 -13.86 -5.57
C ARG A 233 -17.48 -12.90 -6.73
N ARG A 234 -17.46 -13.46 -7.94
CA ARG A 234 -17.54 -12.66 -9.14
C ARG A 234 -18.96 -12.11 -9.28
N GLN A 235 -19.09 -10.79 -9.36
CA GLN A 235 -20.38 -10.17 -9.65
C GLN A 235 -20.19 -8.97 -10.56
N VAL A 236 -20.83 -8.98 -11.72
CA VAL A 236 -20.68 -7.90 -12.69
C VAL A 236 -22.05 -7.29 -12.97
N VAL A 237 -22.14 -5.96 -12.89
CA VAL A 237 -23.32 -5.21 -13.28
C VAL A 237 -23.16 -4.78 -14.74
N LYS A 238 -24.13 -5.15 -15.59
CA LYS A 238 -24.16 -4.70 -16.97
C LYS A 238 -25.15 -3.54 -17.05
N ALA A 239 -24.66 -2.36 -17.42
CA ALA A 239 -25.47 -1.15 -17.39
C ALA A 239 -25.36 -0.44 -18.72
N GLU A 240 -26.15 -0.91 -19.71
CA GLU A 240 -26.28 -0.24 -21.00
C GLU A 240 -27.36 0.82 -20.92
N VAL A 241 -26.96 2.07 -21.00
CA VAL A 241 -27.87 3.17 -20.73
C VAL A 241 -29.05 3.16 -21.68
N SER A 242 -28.82 2.86 -22.96
CA SER A 242 -29.94 2.85 -23.90
C SER A 242 -30.92 1.70 -23.65
N SER A 243 -30.70 0.85 -22.64
CA SER A 243 -31.52 -0.34 -22.44
C SER A 243 -32.60 -0.19 -21.37
N HIS A 244 -32.51 0.82 -20.50
CA HIS A 244 -33.40 0.98 -19.34
C HIS A 244 -33.47 -0.29 -18.48
N ARG A 245 -32.42 -1.10 -18.51
CA ARG A 245 -32.28 -2.20 -17.58
C ARG A 245 -30.87 -2.20 -17.00
N ILE A 246 -30.74 -2.82 -15.85
CA ILE A 246 -29.44 -3.28 -15.37
C ILE A 246 -29.52 -4.77 -15.13
N GLN A 247 -28.45 -5.46 -15.51
CA GLN A 247 -28.31 -6.88 -15.26
C GLN A 247 -27.21 -7.07 -14.23
N VAL A 248 -27.42 -7.99 -13.30
CA VAL A 248 -26.44 -8.38 -12.30
C VAL A 248 -26.11 -9.83 -12.56
N VAL A 249 -24.84 -10.11 -12.86
CA VAL A 249 -24.44 -11.44 -13.33
C VAL A 249 -23.32 -11.98 -12.45
N THR A 250 -23.54 -13.16 -11.87
CA THR A 250 -22.52 -13.88 -11.14
C THR A 250 -22.18 -15.20 -11.82
N ASP A 251 -21.60 -16.15 -11.07
CA ASP A 251 -21.43 -17.53 -11.53
C ASP A 251 -22.76 -18.26 -11.67
N ALA A 252 -23.81 -17.74 -11.03
CA ALA A 252 -25.18 -18.24 -11.13
C ALA A 252 -25.93 -17.71 -12.34
N GLY A 253 -25.28 -16.87 -13.16
CA GLY A 253 -25.94 -16.24 -14.30
C GLY A 253 -26.57 -14.91 -13.94
N VAL A 254 -27.49 -14.47 -14.80
CA VAL A 254 -28.28 -13.27 -14.53
C VAL A 254 -29.12 -13.52 -13.29
N ILE A 255 -28.74 -12.90 -12.16
CA ILE A 255 -29.52 -13.04 -10.95
C ILE A 255 -30.43 -11.84 -10.69
N MET A 256 -30.26 -10.74 -11.44
CA MET A 256 -31.14 -9.57 -11.38
C MET A 256 -31.20 -8.89 -12.74
N ASP A 257 -32.42 -8.68 -13.24
CA ASP A 257 -32.66 -7.96 -14.49
C ASP A 257 -33.80 -7.00 -14.15
N PHE A 258 -33.43 -5.74 -13.83
CA PHE A 258 -34.33 -4.71 -13.34
C PHE A 258 -34.60 -3.64 -14.38
N PRO A 259 -35.85 -3.23 -14.55
CA PRO A 259 -36.07 -1.95 -15.21
C PRO A 259 -35.44 -0.87 -14.37
N CYS A 260 -34.87 0.12 -15.04
CA CYS A 260 -34.23 1.23 -14.36
C CYS A 260 -34.29 2.42 -15.31
N SER A 261 -33.67 3.51 -14.90
CA SER A 261 -33.51 4.64 -15.79
C SER A 261 -32.22 5.34 -15.41
N TYR A 262 -31.62 6.00 -16.38
CA TYR A 262 -30.34 6.64 -16.16
C TYR A 262 -30.52 8.15 -16.26
N GLY A 263 -29.42 8.88 -16.26
CA GLY A 263 -29.50 10.31 -16.41
C GLY A 263 -30.15 10.68 -17.73
N GLU A 264 -30.98 11.73 -17.70
CA GLU A 264 -31.70 12.10 -18.92
C GLU A 264 -30.74 12.63 -19.99
N ALA A 265 -29.56 13.11 -19.60
CA ALA A 265 -28.52 13.60 -20.51
C ALA A 265 -29.00 14.75 -21.37
N ASP A 266 -29.94 15.52 -20.82
CA ASP A 266 -30.10 16.92 -21.18
C ASP A 266 -28.73 17.60 -21.15
N LEU A 267 -28.29 18.00 -19.97
CA LEU A 267 -27.01 18.64 -19.71
C LEU A 267 -26.00 17.61 -19.23
N ALA A 268 -24.73 18.04 -19.09
CA ALA A 268 -23.64 17.11 -18.80
C ALA A 268 -23.68 16.59 -17.36
N ARG A 269 -24.19 17.39 -16.43
CA ARG A 269 -24.30 17.00 -15.02
C ARG A 269 -25.20 15.78 -14.83
N ASN A 270 -26.14 15.56 -15.75
CA ASN A 270 -27.12 14.49 -15.66
C ASN A 270 -26.81 13.34 -16.62
N VAL A 271 -25.56 13.18 -17.04
CA VAL A 271 -25.13 12.07 -17.89
C VAL A 271 -24.45 11.04 -17.01
N THR A 272 -24.88 9.78 -17.09
CA THR A 272 -24.16 8.72 -16.40
C THR A 272 -22.86 8.40 -17.14
N ARG A 273 -21.75 8.57 -16.47
CA ARG A 273 -20.44 8.40 -17.11
C ARG A 273 -20.29 7.01 -17.70
N ASN A 274 -19.57 6.94 -18.82
CA ASN A 274 -19.29 5.70 -19.50
C ASN A 274 -18.03 5.07 -18.92
N GLY A 275 -17.96 3.75 -18.98
CA GLY A 275 -16.78 3.02 -18.54
C GLY A 275 -17.09 2.16 -17.33
N ILE A 276 -16.05 1.44 -16.90
CA ILE A 276 -16.17 0.51 -15.78
C ILE A 276 -16.05 1.28 -14.47
N HIS A 277 -17.14 1.33 -13.71
CA HIS A 277 -17.12 1.90 -12.37
C HIS A 277 -16.69 0.85 -11.34
N VAL A 278 -16.36 1.34 -10.15
CA VAL A 278 -16.12 0.49 -8.99
C VAL A 278 -17.06 0.92 -7.89
N VAL A 279 -17.74 -0.05 -7.30
CA VAL A 279 -18.50 0.18 -6.07
C VAL A 279 -17.55 0.44 -4.93
N THR A 280 -17.83 1.47 -4.13
CA THR A 280 -17.04 1.78 -2.94
C THR A 280 -17.92 1.67 -1.69
N GLU A 281 -18.85 2.58 -1.46
CA GLU A 281 -19.63 2.63 -0.24
C GLU A 281 -21.10 2.34 -0.52
N LYS A 282 -21.86 2.00 0.53
CA LYS A 282 -23.30 1.79 0.38
C LYS A 282 -24.03 2.12 1.68
N TYR A 283 -25.25 2.66 1.54
CA TYR A 283 -26.05 3.24 2.64
C TYR A 283 -27.43 2.63 2.63
N SER A 284 -27.78 1.95 3.72
CA SER A 284 -29.19 1.67 3.99
C SER A 284 -30.01 2.96 3.92
N ASP A 285 -29.54 4.01 4.59
CA ASP A 285 -30.32 5.24 4.72
C ASP A 285 -29.39 6.43 4.93
N PHE A 286 -29.42 7.39 3.98
CA PHE A 286 -28.35 8.36 3.77
C PHE A 286 -28.85 9.79 3.55
N TYR A 287 -28.04 10.76 4.03
CA TYR A 287 -28.30 12.20 3.96
C TYR A 287 -27.11 12.93 3.31
N MET A 288 -27.18 13.28 2.01
CA MET A 288 -26.04 13.88 1.30
C MET A 288 -26.35 15.29 0.79
N SER A 289 -25.27 16.07 0.57
CA SER A 289 -25.35 17.43 0.01
C SER A 289 -23.99 17.79 -0.61
N ASN A 290 -23.90 17.75 -1.97
CA ASN A 290 -22.68 17.92 -2.74
C ASN A 290 -23.02 17.87 -4.26
N PRO A 291 -22.13 18.33 -5.21
CA PRO A 291 -22.59 18.84 -6.52
C PRO A 291 -23.56 17.97 -7.32
N ALA A 292 -24.83 18.37 -7.30
CA ALA A 292 -25.91 17.87 -8.09
C ALA A 292 -27.21 18.62 -7.80
N ALA A 293 -27.54 18.70 -6.50
CA ALA A 293 -28.52 19.60 -5.87
C ALA A 293 -28.37 19.39 -4.36
N GLY A 294 -28.88 18.25 -3.87
CA GLY A 294 -28.80 17.81 -2.48
C GLY A 294 -30.00 16.93 -2.15
N TYR A 295 -29.78 15.71 -1.62
CA TYR A 295 -30.89 14.74 -1.52
C TYR A 295 -30.72 13.78 -0.35
N SER A 296 -31.86 13.21 0.07
CA SER A 296 -31.94 12.15 1.08
C SER A 296 -33.11 11.19 0.87
N GLU A 300 -30.13 8.99 0.13
N GLU A 300 -30.25 9.13 0.10
CA GLU A 300 -31.50 8.51 -0.04
CA GLU A 300 -31.55 8.52 -0.18
C GLU A 300 -31.71 7.15 0.64
C GLU A 300 -31.69 7.18 0.58
N ARG A 301 -32.20 6.16 -0.10
CA ARG A 301 -32.34 4.81 0.43
C ARG A 301 -31.71 3.78 -0.51
N TRP A 302 -30.99 2.80 0.07
CA TRP A 302 -30.36 1.70 -0.67
C TRP A 302 -29.38 2.19 -1.71
N ALA A 303 -28.51 3.12 -1.31
CA ALA A 303 -27.60 3.70 -2.28
C ALA A 303 -26.32 2.88 -2.31
N VAL A 304 -25.89 2.55 -3.53
CA VAL A 304 -24.58 1.94 -3.78
C VAL A 304 -23.78 2.97 -4.57
N ARG A 305 -22.69 3.48 -3.98
CA ARG A 305 -21.93 4.51 -4.66
C ARG A 305 -21.03 3.91 -5.73
N ILE A 306 -21.14 4.42 -6.96
CA ILE A 306 -20.32 3.95 -8.07
C ILE A 306 -19.35 4.99 -8.58
N SER A 307 -19.30 6.18 -7.95
CA SER A 307 -18.29 7.20 -8.23
C SER A 307 -18.33 8.27 -7.15
N ASN A 308 -17.14 8.90 -6.88
CA ASN A 308 -17.11 10.05 -5.92
C ASN A 308 -17.64 11.33 -6.52
N ASN A 309 -18.29 11.21 -7.66
CA ASN A 309 -18.93 12.32 -8.34
C ASN A 309 -20.42 12.38 -8.06
N GLY A 310 -20.96 11.45 -7.29
CA GLY A 310 -22.35 11.48 -6.90
C GLY A 310 -23.25 10.53 -7.65
N GLU A 311 -22.68 9.55 -8.34
CA GLU A 311 -23.44 8.51 -9.02
C GLU A 311 -23.71 7.36 -8.05
N PHE A 312 -24.97 6.91 -8.01
CA PHE A 312 -25.36 5.77 -7.18
C PHE A 312 -26.33 4.89 -7.96
N ILE A 313 -26.36 3.61 -7.61
CA ILE A 313 -27.52 2.78 -7.86
C ILE A 313 -28.38 2.85 -6.60
N HIS A 314 -29.62 3.33 -6.74
CA HIS A 314 -30.43 3.58 -5.55
C HIS A 314 -31.90 3.59 -5.96
N ALA A 315 -32.76 3.94 -5.00
CA ALA A 315 -34.20 4.03 -5.24
C ALA A 315 -34.62 5.48 -5.43
N ASN A 316 -35.54 5.73 -6.39
CA ASN A 316 -36.01 7.10 -6.66
C ASN A 316 -37.42 7.49 -6.22
N PRO A 317 -38.32 6.52 -5.90
CA PRO A 317 -39.80 6.65 -6.02
C PRO A 317 -40.35 8.03 -6.43
N ASN A 330 -29.90 13.79 -13.38
CA ASN A 330 -29.62 13.32 -12.03
C ASN A 330 -28.17 12.84 -11.91
N GLY A 331 -27.79 11.93 -12.81
CA GLY A 331 -26.52 11.23 -12.79
C GLY A 331 -26.65 9.75 -12.47
N CYS A 332 -27.56 9.38 -11.59
CA CYS A 332 -27.57 8.06 -10.98
C CYS A 332 -28.32 7.03 -11.80
N ILE A 333 -28.29 5.78 -11.35
CA ILE A 333 -29.17 4.74 -11.86
C ILE A 333 -30.30 4.52 -10.83
N ASN A 334 -31.54 4.63 -11.28
CA ASN A 334 -32.69 4.61 -10.38
C ASN A 334 -33.44 3.29 -10.54
N LEU A 335 -33.71 2.64 -9.40
CA LEU A 335 -34.53 1.43 -9.37
C LEU A 335 -35.71 1.65 -8.46
N SER A 336 -36.70 0.77 -8.59
CA SER A 336 -37.75 0.67 -7.59
C SER A 336 -37.12 0.42 -6.24
N THR A 337 -37.82 0.81 -5.17
CA THR A 337 -37.20 0.73 -3.85
C THR A 337 -36.85 -0.72 -3.50
N GLU A 338 -37.74 -1.67 -3.81
CA GLU A 338 -37.47 -3.07 -3.47
C GLU A 338 -36.46 -3.74 -4.42
N ASN A 339 -36.22 -3.19 -5.62
CA ASN A 339 -35.09 -3.65 -6.41
C ASN A 339 -33.79 -2.97 -5.98
N ALA A 340 -33.84 -1.70 -5.57
CA ALA A 340 -32.66 -1.06 -5.02
C ALA A 340 -32.19 -1.79 -3.76
N GLU A 341 -33.14 -2.25 -2.93
CA GLU A 341 -32.74 -2.93 -1.70
C GLU A 341 -32.03 -4.23 -2.01
N GLN A 342 -32.60 -5.02 -2.91
CA GLN A 342 -32.05 -6.35 -3.15
C GLN A 342 -30.68 -6.25 -3.79
N TYR A 343 -30.49 -5.31 -4.72
CA TYR A 343 -29.13 -5.08 -5.22
C TYR A 343 -28.22 -4.61 -4.09
N TYR A 344 -28.69 -3.63 -3.30
CA TYR A 344 -27.88 -3.05 -2.23
C TYR A 344 -27.30 -4.14 -1.35
N ARG A 345 -28.11 -5.13 -1.01
CA ARG A 345 -27.65 -6.19 -0.13
C ARG A 345 -26.58 -7.05 -0.79
N SER A 346 -26.67 -7.24 -2.11
CA SER A 346 -25.76 -8.13 -2.82
C SER A 346 -24.38 -7.51 -2.98
N ALA A 347 -24.28 -6.19 -2.90
CA ALA A 347 -23.11 -5.51 -3.42
C ALA A 347 -21.97 -5.49 -2.40
N VAL A 348 -20.76 -5.27 -2.92
CA VAL A 348 -19.52 -5.34 -2.17
C VAL A 348 -18.57 -4.27 -2.73
N TYR A 349 -17.80 -3.65 -1.84
CA TYR A 349 -16.66 -2.84 -2.27
C TYR A 349 -15.85 -3.58 -3.32
N GLY A 350 -15.57 -2.91 -4.44
CA GLY A 350 -14.73 -3.46 -5.49
C GLY A 350 -15.50 -4.10 -6.63
N ASP A 351 -16.82 -4.21 -6.52
CA ASP A 351 -17.60 -4.78 -7.61
C ASP A 351 -17.52 -3.85 -8.84
N PRO A 352 -17.35 -4.41 -10.04
CA PRO A 352 -17.38 -3.58 -11.26
C PRO A 352 -18.79 -3.32 -11.77
N VAL A 353 -18.99 -2.11 -12.26
CA VAL A 353 -20.23 -1.70 -12.92
C VAL A 353 -19.85 -1.19 -14.31
N GLU A 354 -20.13 -2.00 -15.32
CA GLU A 354 -19.83 -1.69 -16.71
C GLU A 354 -20.98 -0.86 -17.27
N VAL A 355 -20.76 0.43 -17.41
CA VAL A 355 -21.71 1.31 -18.05
C VAL A 355 -21.30 1.50 -19.51
N THR A 356 -22.25 1.26 -20.42
CA THR A 356 -22.02 1.33 -21.86
C THR A 356 -23.05 2.25 -22.48
N GLY A 357 -22.76 2.73 -23.69
CA GLY A 357 -23.73 3.52 -24.40
C GLY A 357 -23.89 4.94 -23.91
N SER A 358 -22.89 5.46 -23.22
CA SER A 358 -22.86 6.84 -22.73
C SER A 358 -21.77 7.62 -23.45
N SER A 359 -21.96 8.94 -23.48
CA SER A 359 -21.18 9.82 -24.35
C SER A 359 -20.10 10.59 -23.62
N ILE A 360 -19.97 10.43 -22.30
CA ILE A 360 -18.87 11.02 -21.53
C ILE A 360 -18.22 9.92 -20.70
N GLN A 361 -16.94 9.66 -20.96
CA GLN A 361 -16.26 8.55 -20.32
C GLN A 361 -15.73 8.95 -18.94
N LEU A 362 -15.84 8.01 -17.98
CA LEU A 362 -15.38 8.19 -16.61
C LEU A 362 -13.93 8.69 -16.58
N SER A 363 -13.63 9.57 -15.63
CA SER A 363 -12.42 10.37 -15.72
C SER A 363 -11.91 10.74 -14.35
N TYR A 364 -10.64 11.17 -14.31
CA TYR A 364 -10.09 11.82 -13.12
C TYR A 364 -11.00 12.91 -12.60
N ALA A 365 -11.69 13.64 -13.50
CA ALA A 365 -12.56 14.72 -13.06
C ALA A 365 -13.73 14.22 -12.21
N ASP A 366 -14.06 12.92 -12.28
CA ASP A 366 -15.14 12.36 -11.48
C ASP A 366 -14.68 11.88 -10.11
N GLY A 367 -13.38 11.86 -9.84
CA GLY A 367 -12.86 11.36 -8.57
C GLY A 367 -12.70 9.85 -8.63
N ASP A 368 -12.20 9.29 -7.53
CA ASP A 368 -12.11 7.82 -7.43
C ASP A 368 -13.50 7.19 -7.55
N ILE A 369 -13.58 5.95 -8.05
CA ILE A 369 -12.49 5.20 -8.64
C ILE A 369 -12.63 5.26 -10.15
N TRP A 370 -11.63 5.82 -10.82
CA TRP A 370 -11.59 5.86 -12.28
C TRP A 370 -10.52 4.97 -12.86
N ASP A 371 -9.94 4.06 -12.07
CA ASP A 371 -8.78 3.32 -12.54
C ASP A 371 -9.11 2.41 -13.72
N TRP A 372 -10.34 1.93 -13.83
CA TRP A 372 -10.71 1.02 -14.91
C TRP A 372 -11.17 1.73 -16.17
N ALA A 373 -11.27 3.06 -16.16
CA ALA A 373 -11.70 3.81 -17.32
C ALA A 373 -10.58 4.11 -18.29
N VAL A 374 -9.35 3.60 -18.05
CA VAL A 374 -8.22 3.82 -18.94
C VAL A 374 -7.65 2.48 -19.36
N ASP A 375 -7.15 2.42 -20.61
CA ASP A 375 -6.57 1.20 -21.16
C ASP A 375 -5.30 0.83 -20.36
N TRP A 376 -4.79 -0.38 -20.63
CA TRP A 376 -3.65 -0.86 -19.86
C TRP A 376 -2.38 -0.07 -20.15
N ASP A 377 -2.15 0.27 -21.41
CA ASP A 377 -0.95 1.02 -21.77
C ASP A 377 -0.92 2.37 -21.08
N THR A 378 -2.08 3.00 -20.88
CA THR A 378 -2.13 4.22 -20.09
C THR A 378 -1.88 3.96 -18.60
N TRP A 379 -2.28 2.79 -18.09
CA TRP A 379 -2.05 2.54 -16.67
C TRP A 379 -0.57 2.30 -16.39
N VAL A 380 0.12 1.50 -17.22
CA VAL A 380 1.55 1.26 -17.00
C VAL A 380 2.37 2.52 -17.21
N SER A 381 1.78 3.54 -17.83
CA SER A 381 2.48 4.79 -18.05
C SER A 381 2.39 5.74 -16.86
N MET A 382 1.55 5.45 -15.86
CA MET A 382 1.54 6.20 -14.62
C MET A 382 2.38 5.56 -13.54
N SER A 383 3.17 4.55 -13.89
CA SER A 383 4.21 4.04 -13.01
C SER A 383 5.39 5.01 -13.01
N ALA A 384 6.07 5.13 -11.86
CA ALA A 384 7.31 5.90 -11.83
C ALA A 384 8.52 5.08 -12.33
N LEU A 385 8.25 3.98 -13.01
CA LEU A 385 9.28 3.08 -13.48
C LEU A 385 9.01 2.74 -14.93
N PRO A 386 9.99 2.14 -15.60
CA PRO A 386 9.83 1.69 -16.99
C PRO A 386 8.76 0.62 -17.18
N PRO A 387 8.37 0.34 -18.42
CA PRO A 387 7.01 -0.24 -18.69
C PRO A 387 6.97 -1.72 -19.05
N PRO A 388 7.73 -2.63 -18.40
CA PRO A 388 8.15 -3.86 -19.10
C PRO A 388 7.11 -4.57 -20.00
O1 PG4 B . -2.32 21.84 -3.73
C1 PG4 B . -2.08 21.15 -4.94
C2 PG4 B . -1.92 19.66 -4.67
O2 PG4 B . -3.19 19.07 -4.47
C3 PG4 B . -4.05 19.23 -5.56
C4 PG4 B . -5.30 18.37 -5.40
O3 PG4 B . -6.23 18.77 -6.37
C5 PG4 B . -5.74 18.80 -7.68
C6 PG4 B . -5.87 20.21 -8.25
O4 PG4 B . -5.94 20.16 -9.65
C7 PG4 B . -4.70 20.15 -10.29
C8 PG4 B . -4.76 19.12 -11.44
O5 PG4 B . -3.86 18.07 -11.17
#